data_6M7P
#
_entry.id   6M7P
#
_cell.length_a   98.495
_cell.length_b   98.495
_cell.length_c   81.708
_cell.angle_alpha   90.000
_cell.angle_beta   90.000
_cell.angle_gamma   120.000
#
_symmetry.space_group_name_H-M   'P 61'
#
loop_
_entity.id
_entity.type
_entity.pdbx_description
1 polymer 'DNA polymerase eta'
2 polymer "DNA (5'-D(*CP*AP*TP*TP*CP*(02I)P*CP*AP*CP*AP*CP*T)-3')"
3 polymer "DNA (5'-D(*AP*GP*TP*GP*TP*GP*TP*G)-3')"
4 non-polymer "2'-deoxy-5'-O-[(R)-hydroxy{[(R)-hydroxy(phosphonooxy)phosphoryl]amino}phosphoryl]adenosine"
5 non-polymer 'MAGNESIUM ION'
6 non-polymer GLYCEROL
7 water water
#
loop_
_entity_poly.entity_id
_entity_poly.type
_entity_poly.pdbx_seq_one_letter_code
_entity_poly.pdbx_strand_id
1 'polypeptide(L)'
;GPHMATGQDRVVALVDMDCFFVQVEQRQNPHLRNKPCAVVQYKSWKGGGIIAVSYEARAFGVTRSMWADDAKKLCPDLLL
AQVRESRGKANLTKYREASVEVMEIMSRFAVIERASIDEAYVDLTSAVQERLQKLQGQPISADLLPSTYIEGLPQGPTTA
EETVQKEGMRKQGLFQWLDSLQIDNLTSPDLQLTVGAVIVEEMRAAIERETGFQCSAGISHNKVLAKLACGLNKPNRQTL
VSHGSVPQLFSQMPIRKIRSLGGKLGASVIEILGIEYMGELTQFTESQLQSHFGEKNGSWLYAMCRGIEHDPVKPRQLPK
TIGCSKNFPGKTALATREQVQWWLLQLAQELEERLTKDRNDNDRVATQLVVSIRVQGDKRLSSLRRCCALTRYDAHKMSH
DAFTVIKNCNTSGIQTEWSPPLTMLFLCATKFSAS
;
A
2 'polydeoxyribonucleotide' (DC)(DA)(DT)(DT)(DC)(02I)(DC)(DA)(DC)(DA)(DC)(DT) T
3 'polydeoxyribonucleotide' (DA)(DG)(DT)(DG)(DT)(DG)(DT)(DG) P
#
loop_
_chem_comp.id
_chem_comp.type
_chem_comp.name
_chem_comp.formula
02I DNA linking '(6S,7S,8S,10R)-4-amino-8-hydroxy-7,8,9,10-tetrahydro-6H-7,10-epoxyazepino[1,2-e]purin-6-yl dihydrogen phosphate' 'C10 H12 N5 O6 P'
DA DNA linking 2'-DEOXYADENOSINE-5'-MONOPHOSPHATE 'C10 H14 N5 O6 P'
DC DNA linking 2'-DEOXYCYTIDINE-5'-MONOPHOSPHATE 'C9 H14 N3 O7 P'
DG DNA linking 2'-DEOXYGUANOSINE-5'-MONOPHOSPHATE 'C10 H14 N5 O7 P'
DT DNA linking THYMIDINE-5'-MONOPHOSPHATE 'C10 H15 N2 O8 P'
DZ4 non-polymer 2'-deoxy-5'-O-[(R)-hydroxy{[(R)-hydroxy(phosphonooxy)phosphoryl]amino}phosphoryl]adenosine 'C10 H17 N6 O11 P3'
GOL non-polymer GLYCEROL 'C3 H8 O3'
MG non-polymer 'MAGNESIUM ION' 'Mg 2'
#
# COMPACT_ATOMS: atom_id res chain seq x y z
N GLY A 1 -2.71 -18.90 30.27
CA GLY A 1 -1.91 -18.07 31.15
C GLY A 1 -0.50 -17.87 30.63
N PRO A 2 0.47 -18.50 31.30
CA PRO A 2 1.89 -18.31 30.95
C PRO A 2 2.26 -18.88 29.58
N HIS A 3 1.38 -19.65 28.94
CA HIS A 3 1.72 -20.29 27.69
C HIS A 3 0.98 -19.71 26.50
N MET A 4 0.06 -18.78 26.71
CA MET A 4 -0.69 -18.16 25.61
C MET A 4 0.15 -17.06 24.97
N ALA A 5 0.55 -17.26 23.72
CA ALA A 5 1.30 -16.23 23.00
C ALA A 5 0.41 -15.01 22.79
N THR A 6 1.02 -13.84 22.71
CA THR A 6 0.26 -12.60 22.61
C THR A 6 0.65 -11.80 21.38
N GLY A 7 1.49 -12.38 20.52
CA GLY A 7 1.86 -11.74 19.26
C GLY A 7 2.50 -10.39 19.49
N GLN A 8 3.42 -10.32 20.45
CA GLN A 8 4.12 -9.09 20.80
C GLN A 8 5.62 -9.25 20.60
N ASP A 9 6.00 -10.22 19.76
CA ASP A 9 7.39 -10.61 19.55
C ASP A 9 8.17 -9.69 18.61
N ARG A 10 7.48 -8.93 17.77
CA ARG A 10 8.10 -8.10 16.75
C ARG A 10 7.68 -6.64 16.90
N VAL A 11 8.48 -5.74 16.35
CA VAL A 11 8.05 -4.38 16.10
C VAL A 11 8.02 -4.18 14.60
N VAL A 12 6.85 -3.85 14.06
CA VAL A 12 6.65 -3.71 12.62
C VAL A 12 6.05 -2.35 12.37
N ALA A 13 6.57 -1.63 11.38
CA ALA A 13 5.97 -0.40 10.93
C ALA A 13 5.52 -0.53 9.49
N LEU A 14 4.53 0.28 9.15
CA LEU A 14 4.10 0.47 7.77
C LEU A 14 4.18 1.96 7.47
N VAL A 15 4.98 2.32 6.47
CA VAL A 15 5.13 3.71 6.04
C VAL A 15 4.42 3.86 4.71
N ASP A 16 3.48 4.81 4.65
CA ASP A 16 2.70 5.05 3.44
C ASP A 16 2.73 6.54 3.07
N MET A 17 3.09 6.81 1.84
CA MET A 17 3.22 8.22 1.41
C MET A 17 1.83 8.89 1.35
N ASP A 18 1.77 10.15 1.77
CA ASP A 18 0.53 10.96 1.74
C ASP A 18 0.29 11.46 0.30
N CYS A 19 -0.90 11.23 -0.25
CA CYS A 19 -1.33 11.64 -1.63
C CYS A 19 -0.15 11.54 -2.59
N PHE A 20 0.43 10.36 -2.70
CA PHE A 20 1.80 10.27 -3.23
C PHE A 20 1.97 10.86 -4.64
N PHE A 21 1.14 10.49 -5.60
CA PHE A 21 1.40 11.03 -6.94
C PHE A 21 1.22 12.54 -6.95
N VAL A 22 0.28 13.04 -6.13
CA VAL A 22 0.10 14.48 -6.04
C VAL A 22 1.36 15.15 -5.48
N GLN A 23 1.94 14.59 -4.41
CA GLN A 23 3.16 15.18 -3.90
C GLN A 23 4.31 15.14 -4.91
N VAL A 24 4.42 14.08 -5.70
CA VAL A 24 5.44 14.05 -6.75
C VAL A 24 5.24 15.23 -7.70
N GLU A 25 3.99 15.46 -8.10
CA GLU A 25 3.73 16.55 -9.04
C GLU A 25 3.90 17.92 -8.38
N GLN A 26 3.57 18.03 -7.08
CA GLN A 26 3.76 19.30 -6.37
C GLN A 26 5.22 19.62 -6.13
N ARG A 27 6.06 18.61 -5.91
CA ARG A 27 7.49 18.87 -5.82
C ARG A 27 7.97 19.46 -7.14
N GLN A 28 7.52 18.87 -8.25
CA GLN A 28 7.99 19.30 -9.58
C GLN A 28 7.46 20.69 -9.93
N ASN A 29 6.21 20.98 -9.58
CA ASN A 29 5.54 22.22 -9.96
C ASN A 29 5.06 22.97 -8.72
N PRO A 30 5.86 23.92 -8.21
CA PRO A 30 5.49 24.64 -6.97
C PRO A 30 4.14 25.35 -7.04
N HIS A 31 3.66 25.67 -8.25
CA HIS A 31 2.34 26.27 -8.38
C HIS A 31 1.23 25.38 -7.84
N LEU A 32 1.47 24.08 -7.71
CA LEU A 32 0.44 23.14 -7.27
C LEU A 32 0.46 22.94 -5.75
N ARG A 33 1.49 23.44 -5.07
CA ARG A 33 1.67 23.20 -3.64
C ARG A 33 0.61 23.92 -2.81
N ASN A 34 0.11 23.23 -1.77
CA ASN A 34 -0.85 23.78 -0.81
C ASN A 34 -2.13 24.22 -1.51
N LYS A 35 -2.52 23.45 -2.54
CA LYS A 35 -3.71 23.73 -3.32
C LYS A 35 -4.56 22.47 -3.40
N PRO A 36 -5.86 22.60 -3.63
CA PRO A 36 -6.67 21.44 -4.04
C PRO A 36 -6.20 20.99 -5.41
N CYS A 37 -5.71 19.75 -5.49
N CYS A 37 -5.71 19.76 -5.50
CA CYS A 37 -5.00 19.26 -6.66
CA CYS A 37 -5.23 19.31 -6.79
C CYS A 37 -5.26 17.76 -6.80
C CYS A 37 -5.27 17.80 -6.83
N ALA A 38 -5.28 17.28 -8.04
CA ALA A 38 -5.42 15.85 -8.27
C ALA A 38 -4.54 15.47 -9.45
N VAL A 39 -4.20 14.19 -9.51
CA VAL A 39 -3.48 13.60 -10.63
C VAL A 39 -4.48 12.77 -11.44
N VAL A 40 -4.46 12.95 -12.76
N VAL A 40 -4.38 12.87 -12.77
CA VAL A 40 -5.43 12.33 -13.67
CA VAL A 40 -5.40 12.39 -13.68
C VAL A 40 -4.69 11.51 -14.71
C VAL A 40 -4.74 11.60 -14.81
N GLN A 41 -5.37 10.47 -15.20
CA GLN A 41 -4.88 9.69 -16.35
C GLN A 41 -5.83 9.93 -17.51
N TYR A 42 -5.27 10.18 -18.69
CA TYR A 42 -6.05 10.51 -19.88
C TYR A 42 -6.83 11.79 -19.65
N LYS A 43 -7.47 12.32 -20.69
CA LYS A 43 -8.10 13.63 -20.57
C LYS A 43 -9.36 13.74 -21.41
N SER A 44 -9.36 13.04 -22.55
CA SER A 44 -10.47 13.14 -23.51
C SER A 44 -11.81 12.75 -22.91
N TRP A 45 -11.86 11.62 -22.19
CA TRP A 45 -13.12 11.13 -21.64
C TRP A 45 -13.36 11.78 -20.28
N LYS A 46 -14.25 12.78 -20.25
CA LYS A 46 -14.73 13.42 -19.03
C LYS A 46 -13.60 14.07 -18.22
N GLY A 47 -12.55 14.49 -18.92
CA GLY A 47 -11.47 15.21 -18.29
C GLY A 47 -10.39 14.32 -17.73
N GLY A 48 -10.53 13.00 -17.83
CA GLY A 48 -9.57 12.05 -17.30
C GLY A 48 -10.01 11.48 -15.96
N GLY A 49 -9.44 10.33 -15.60
CA GLY A 49 -9.81 9.65 -14.37
C GLY A 49 -8.81 10.02 -13.26
N ILE A 50 -9.35 10.41 -12.11
CA ILE A 50 -8.50 10.85 -11.00
C ILE A 50 -7.94 9.63 -10.28
N ILE A 51 -6.63 9.63 -10.04
CA ILE A 51 -6.01 8.53 -9.30
C ILE A 51 -5.38 8.97 -8.00
N ALA A 52 -5.21 10.27 -7.74
CA ALA A 52 -4.68 10.74 -6.46
C ALA A 52 -5.20 12.15 -6.19
N VAL A 53 -5.38 12.47 -4.91
CA VAL A 53 -6.09 13.68 -4.51
C VAL A 53 -5.43 14.31 -3.29
N SER A 54 -5.10 15.60 -3.39
CA SER A 54 -4.50 16.27 -2.25
C SER A 54 -5.53 16.41 -1.14
N TYR A 55 -5.05 16.57 0.09
CA TYR A 55 -5.99 16.64 1.21
C TYR A 55 -6.87 17.90 1.13
N GLU A 56 -6.34 18.99 0.57
CA GLU A 56 -7.19 20.16 0.36
C GLU A 56 -8.35 19.84 -0.57
N ALA A 57 -8.10 19.08 -1.63
CA ALA A 57 -9.17 18.70 -2.55
C ALA A 57 -10.12 17.68 -1.92
N ARG A 58 -9.61 16.80 -1.07
CA ARG A 58 -10.48 15.83 -0.42
C ARG A 58 -11.52 16.53 0.45
N ALA A 59 -11.17 17.71 0.98
CA ALA A 59 -12.13 18.45 1.80
C ALA A 59 -13.38 18.85 1.03
N PHE A 60 -13.30 18.91 -0.30
CA PHE A 60 -14.44 19.23 -1.17
C PHE A 60 -15.18 17.98 -1.61
N GLY A 61 -14.69 16.79 -1.26
CA GLY A 61 -15.31 15.54 -1.66
C GLY A 61 -14.71 14.90 -2.88
N VAL A 62 -13.57 15.41 -3.38
CA VAL A 62 -12.94 14.79 -4.53
C VAL A 62 -12.31 13.47 -4.09
N THR A 63 -12.52 12.41 -4.87
CA THR A 63 -11.95 11.10 -4.57
C THR A 63 -11.31 10.46 -5.78
N ARG A 64 -10.45 9.48 -5.50
CA ARG A 64 -9.95 8.58 -6.54
C ARG A 64 -11.14 7.91 -7.24
N SER A 65 -10.97 7.61 -8.53
CA SER A 65 -11.92 7.01 -9.45
C SER A 65 -12.90 8.04 -10.03
N MET A 66 -12.98 9.23 -9.48
CA MET A 66 -13.86 10.27 -10.03
C MET A 66 -13.31 10.76 -11.37
N TRP A 67 -14.20 11.05 -12.31
CA TRP A 67 -13.81 11.78 -13.51
C TRP A 67 -13.48 13.22 -13.16
N ALA A 68 -12.44 13.77 -13.77
CA ALA A 68 -12.05 15.16 -13.47
C ALA A 68 -13.19 16.15 -13.73
N ASP A 69 -13.98 15.93 -14.79
CA ASP A 69 -15.09 16.86 -15.05
C ASP A 69 -16.06 16.88 -13.88
N ASP A 70 -16.27 15.71 -13.26
CA ASP A 70 -17.19 15.62 -12.14
C ASP A 70 -16.56 16.18 -10.88
N ALA A 71 -15.27 15.91 -10.67
CA ALA A 71 -14.55 16.51 -9.55
C ALA A 71 -14.61 18.04 -9.59
N LYS A 72 -14.51 18.62 -10.78
N LYS A 72 -14.51 18.62 -10.79
CA LYS A 72 -14.57 20.08 -10.90
CA LYS A 72 -14.59 20.07 -10.92
C LYS A 72 -15.93 20.64 -10.50
C LYS A 72 -15.93 20.62 -10.46
N LYS A 73 -16.99 19.81 -10.53
CA LYS A 73 -18.30 20.24 -10.06
C LYS A 73 -18.30 20.42 -8.55
N LEU A 74 -17.52 19.59 -7.84
CA LEU A 74 -17.42 19.68 -6.39
C LEU A 74 -16.40 20.75 -6.00
N CYS A 75 -15.39 20.95 -6.83
CA CYS A 75 -14.24 21.80 -6.50
C CYS A 75 -13.83 22.58 -7.74
N PRO A 76 -14.48 23.72 -8.00
CA PRO A 76 -14.23 24.44 -9.26
C PRO A 76 -12.79 24.87 -9.46
N ASP A 77 -12.04 25.12 -8.40
CA ASP A 77 -10.66 25.56 -8.50
C ASP A 77 -9.67 24.41 -8.44
N LEU A 78 -10.15 23.17 -8.56
CA LEU A 78 -9.27 22.01 -8.55
C LEU A 78 -8.20 22.16 -9.60
N LEU A 79 -6.94 21.98 -9.20
CA LEU A 79 -5.83 21.94 -10.14
C LEU A 79 -5.54 20.50 -10.50
N LEU A 80 -5.04 20.28 -11.71
CA LEU A 80 -4.83 18.93 -12.22
C LEU A 80 -3.43 18.81 -12.77
N ALA A 81 -2.82 17.66 -12.51
CA ALA A 81 -1.59 17.25 -13.18
C ALA A 81 -1.85 15.93 -13.89
N GLN A 82 -1.34 15.80 -15.13
CA GLN A 82 -1.61 14.63 -15.95
C GLN A 82 -0.46 13.63 -15.90
N VAL A 83 -0.79 12.34 -15.78
CA VAL A 83 0.20 11.30 -15.95
C VAL A 83 0.78 11.35 -17.36
N ARG A 84 2.10 11.18 -17.45
CA ARG A 84 2.78 11.10 -18.74
C ARG A 84 2.11 10.04 -19.61
N GLU A 85 1.96 10.33 -20.90
CA GLU A 85 1.54 9.32 -21.85
C GLU A 85 2.67 9.02 -22.81
N SER A 86 2.98 7.74 -22.96
CA SER A 86 3.96 7.29 -23.93
C SER A 86 3.38 6.09 -24.65
N ARG A 87 3.60 6.03 -25.96
CA ARG A 87 3.10 4.94 -26.78
C ARG A 87 1.62 4.70 -26.60
N GLY A 88 0.86 5.78 -26.42
CA GLY A 88 -0.58 5.69 -26.36
C GLY A 88 -1.16 5.29 -25.02
N LYS A 89 -0.37 5.22 -23.96
CA LYS A 89 -0.94 4.82 -22.68
C LYS A 89 -0.26 5.57 -21.54
N ALA A 90 -0.96 5.62 -20.42
CA ALA A 90 -0.39 6.24 -19.22
C ALA A 90 0.88 5.51 -18.85
N ASN A 91 1.88 6.27 -18.46
CA ASN A 91 3.20 5.75 -18.11
C ASN A 91 3.59 6.23 -16.73
N LEU A 92 3.80 5.30 -15.80
CA LEU A 92 4.00 5.68 -14.40
C LEU A 92 5.46 5.81 -14.00
N THR A 93 6.37 5.91 -14.97
CA THR A 93 7.82 5.96 -14.68
C THR A 93 8.19 6.99 -13.62
N LYS A 94 7.64 8.22 -13.71
CA LYS A 94 8.02 9.26 -12.75
C LYS A 94 7.74 8.82 -11.30
N TYR A 95 6.62 8.14 -11.08
CA TYR A 95 6.22 7.72 -9.75
C TYR A 95 7.03 6.51 -9.30
N ARG A 96 7.38 5.61 -10.23
CA ARG A 96 8.25 4.50 -9.86
C ARG A 96 9.61 5.02 -9.41
N GLU A 97 10.14 6.03 -10.09
CA GLU A 97 11.44 6.59 -9.71
C GLU A 97 11.36 7.30 -8.36
N ALA A 98 10.26 8.02 -8.12
CA ALA A 98 10.08 8.67 -6.81
C ALA A 98 9.95 7.62 -5.70
N SER A 99 9.28 6.52 -6.01
CA SER A 99 9.16 5.42 -5.05
C SER A 99 10.54 4.89 -4.70
N VAL A 100 11.39 4.69 -5.71
CA VAL A 100 12.76 4.23 -5.43
C VAL A 100 13.47 5.21 -4.50
N GLU A 101 13.30 6.51 -4.70
CA GLU A 101 13.91 7.48 -3.78
C GLU A 101 13.53 7.17 -2.32
N VAL A 102 12.24 6.93 -2.11
CA VAL A 102 11.76 6.74 -0.74
C VAL A 102 12.21 5.40 -0.18
N MET A 103 12.10 4.33 -1.00
CA MET A 103 12.45 3.00 -0.53
C MET A 103 13.94 2.90 -0.20
N GLU A 104 14.78 3.59 -0.98
CA GLU A 104 16.21 3.53 -0.69
C GLU A 104 16.51 4.24 0.63
N ILE A 105 15.79 5.32 0.94
CA ILE A 105 15.99 5.94 2.25
C ILE A 105 15.54 5.00 3.37
N MET A 106 14.37 4.39 3.21
CA MET A 106 13.88 3.49 4.27
C MET A 106 14.83 2.34 4.51
N SER A 107 15.43 1.80 3.43
CA SER A 107 16.31 0.65 3.56
C SER A 107 17.57 0.95 4.37
N ARG A 108 17.89 2.23 4.61
CA ARG A 108 19.05 2.54 5.46
C ARG A 108 18.78 2.18 6.92
N PHE A 109 17.51 2.18 7.33
CA PHE A 109 17.17 1.93 8.72
C PHE A 109 16.99 0.45 9.00
N ALA A 110 16.48 -0.29 8.02
CA ALA A 110 16.14 -1.71 8.20
C ALA A 110 15.76 -2.31 6.86
N VAL A 111 15.69 -3.64 6.85
CA VAL A 111 15.15 -4.39 5.73
C VAL A 111 13.67 -4.03 5.57
N ILE A 112 13.28 -3.75 4.34
CA ILE A 112 11.90 -3.39 4.04
C ILE A 112 11.30 -4.40 3.08
N GLU A 113 9.97 -4.48 3.16
CA GLU A 113 9.17 -5.20 2.19
C GLU A 113 8.39 -4.15 1.43
N ARG A 114 8.67 -4.05 0.13
CA ARG A 114 7.94 -3.12 -0.72
C ARG A 114 6.55 -3.67 -0.90
N ALA A 115 5.56 -2.95 -0.38
CA ALA A 115 4.20 -3.42 -0.44
C ALA A 115 3.39 -2.79 -1.54
N SER A 116 3.82 -1.62 -2.02
CA SER A 116 3.20 -1.02 -3.19
C SER A 116 4.12 0.09 -3.68
N ILE A 117 3.65 0.82 -4.71
CA ILE A 117 4.45 1.92 -5.22
C ILE A 117 4.74 2.95 -4.13
N ASP A 118 3.90 3.06 -3.07
CA ASP A 118 4.14 4.12 -2.10
C ASP A 118 4.15 3.66 -0.66
N GLU A 119 4.32 2.36 -0.40
CA GLU A 119 4.37 1.94 0.98
C GLU A 119 5.27 0.73 1.16
N ALA A 120 5.85 0.65 2.36
CA ALA A 120 6.73 -0.46 2.69
C ALA A 120 6.57 -0.81 4.15
N TYR A 121 6.64 -2.11 4.44
CA TYR A 121 6.70 -2.59 5.82
C TYR A 121 8.16 -2.63 6.28
N VAL A 122 8.36 -2.42 7.57
CA VAL A 122 9.69 -2.34 8.17
C VAL A 122 9.69 -3.23 9.39
N ASP A 123 10.64 -4.18 9.46
CA ASP A 123 10.79 -4.98 10.68
C ASP A 123 11.85 -4.32 11.55
N LEU A 124 11.42 -3.65 12.62
CA LEU A 124 12.29 -2.84 13.47
C LEU A 124 12.76 -3.56 14.73
N THR A 125 12.43 -4.84 14.89
CA THR A 125 12.75 -5.56 16.12
C THR A 125 14.23 -5.41 16.50
N SER A 126 15.14 -5.68 15.56
CA SER A 126 16.58 -5.61 15.84
C SER A 126 17.03 -4.17 16.11
N ALA A 127 16.61 -3.22 15.27
CA ALA A 127 16.97 -1.83 15.49
C ALA A 127 16.51 -1.36 16.86
N VAL A 128 15.33 -1.81 17.29
CA VAL A 128 14.82 -1.44 18.60
C VAL A 128 15.70 -2.03 19.69
N GLN A 129 16.10 -3.30 19.54
CA GLN A 129 16.94 -3.92 20.54
C GLN A 129 18.25 -3.14 20.71
N GLU A 130 18.87 -2.78 19.57
CA GLU A 130 20.09 -1.98 19.58
C GLU A 130 19.88 -0.63 20.25
N ARG A 131 18.79 0.06 19.90
CA ARG A 131 18.56 1.38 20.45
C ARG A 131 18.26 1.32 21.94
N LEU A 132 17.60 0.25 22.40
CA LEU A 132 17.34 0.11 23.82
C LEU A 132 18.64 -0.11 24.59
N GLN A 133 19.61 -0.79 23.98
CA GLN A 133 20.90 -0.99 24.64
C GLN A 133 21.70 0.31 24.67
N LYS A 134 21.61 1.10 23.60
CA LYS A 134 22.27 2.41 23.55
C LYS A 134 21.73 3.35 24.62
N LEU A 135 20.41 3.34 24.81
CA LEU A 135 19.66 4.24 25.66
C LEU A 135 20.07 4.17 27.13
N GLN A 136 20.41 2.97 27.61
CA GLN A 136 20.81 2.69 29.00
C GLN A 136 19.80 3.18 30.03
N GLY A 137 18.64 2.51 30.05
CA GLY A 137 17.59 2.76 31.02
C GLY A 137 17.04 4.18 31.04
N GLN A 138 17.46 5.05 30.08
CA GLN A 138 17.04 6.45 30.04
C GLN A 138 15.61 6.62 29.52
N PRO A 139 14.81 7.44 30.22
CA PRO A 139 13.40 7.65 29.83
C PRO A 139 13.32 8.27 28.45
N ILE A 140 12.19 8.05 27.79
CA ILE A 140 11.96 8.60 26.46
C ILE A 140 11.16 9.90 26.59
N SER A 141 11.71 10.98 26.04
CA SER A 141 11.07 12.28 26.09
C SER A 141 10.02 12.41 25.00
N ALA A 142 8.91 13.09 25.34
CA ALA A 142 7.90 13.38 24.33
C ALA A 142 8.50 14.12 23.14
N ASP A 143 9.63 14.82 23.32
CA ASP A 143 10.25 15.56 22.24
C ASP A 143 10.75 14.64 21.14
N LEU A 144 11.01 13.37 21.45
CA LEU A 144 11.44 12.40 20.45
C LEU A 144 10.28 11.87 19.62
N LEU A 145 9.05 12.20 19.98
CA LEU A 145 7.84 11.68 19.34
C LEU A 145 6.91 12.83 18.94
N PRO A 146 7.42 13.81 18.17
CA PRO A 146 6.65 15.04 17.91
C PRO A 146 5.44 14.86 16.99
N SER A 147 5.29 13.73 16.30
CA SER A 147 4.16 13.57 15.40
C SER A 147 3.45 12.23 15.63
N THR A 148 3.62 11.64 16.82
CA THR A 148 3.10 10.33 17.17
C THR A 148 1.80 10.42 17.96
N TYR A 149 0.82 9.63 17.54
CA TYR A 149 -0.41 9.39 18.28
C TYR A 149 -0.35 8.04 18.94
N ILE A 150 -0.89 7.95 20.16
CA ILE A 150 -1.04 6.67 20.83
C ILE A 150 -2.51 6.31 20.75
N GLU A 151 -2.82 5.29 19.94
CA GLU A 151 -4.22 4.94 19.72
C GLU A 151 -4.87 4.54 21.04
N GLY A 152 -6.03 5.14 21.34
CA GLY A 152 -6.76 4.81 22.55
C GLY A 152 -6.58 5.81 23.66
N LEU A 153 -5.59 6.67 23.53
CA LEU A 153 -5.33 7.67 24.54
C LEU A 153 -5.52 9.07 23.96
N PRO A 154 -5.85 10.08 24.79
CA PRO A 154 -6.02 9.94 26.26
C PRO A 154 -7.34 9.29 26.66
N GLN A 155 -7.40 8.80 27.90
CA GLN A 155 -8.59 8.15 28.42
C GLN A 155 -8.67 8.51 29.89
N GLY A 156 -9.87 8.41 30.46
CA GLY A 156 -10.01 8.51 31.90
C GLY A 156 -10.01 9.98 32.30
N PRO A 157 -9.84 10.26 33.60
CA PRO A 157 -9.87 11.68 34.01
C PRO A 157 -8.59 12.47 33.68
N GLU A 162 -6.90 23.00 26.63
CA GLU A 162 -6.34 22.53 25.37
C GLU A 162 -6.83 21.11 25.07
N THR A 163 -7.92 20.71 25.69
CA THR A 163 -8.56 19.45 25.32
C THR A 163 -9.44 19.57 24.10
N VAL A 164 -9.69 20.78 23.59
CA VAL A 164 -10.60 20.85 22.46
C VAL A 164 -9.86 21.04 21.14
N GLN A 165 -8.53 20.98 21.15
CA GLN A 165 -7.73 21.11 19.94
C GLN A 165 -7.11 19.74 19.64
N LYS A 166 -6.84 19.45 18.36
CA LYS A 166 -6.31 18.14 17.99
C LYS A 166 -4.93 17.88 18.60
N GLU A 167 -3.99 18.81 18.40
CA GLU A 167 -2.62 18.65 18.91
C GLU A 167 -2.61 18.57 20.43
N GLY A 168 -3.54 19.26 21.10
CA GLY A 168 -3.62 19.15 22.53
C GLY A 168 -3.94 17.73 22.93
N MET A 169 -4.90 17.13 22.25
CA MET A 169 -5.27 15.76 22.56
C MET A 169 -4.12 14.82 22.27
N ARG A 170 -3.41 15.04 21.15
CA ARG A 170 -2.30 14.15 20.82
C ARG A 170 -1.28 14.17 21.95
N LYS A 171 -0.94 15.37 22.44
CA LYS A 171 0.04 15.47 23.52
C LYS A 171 -0.47 14.84 24.82
N GLN A 172 -1.74 15.06 25.17
CA GLN A 172 -2.29 14.45 26.38
C GLN A 172 -2.17 12.94 26.33
N GLY A 173 -2.50 12.34 25.18
CA GLY A 173 -2.41 10.89 25.06
C GLY A 173 -0.98 10.42 25.15
N LEU A 174 -0.06 11.13 24.48
CA LEU A 174 1.34 10.76 24.52
C LEU A 174 1.91 10.85 25.93
N PHE A 175 1.52 11.90 26.67
CA PHE A 175 1.96 12.04 28.05
C PHE A 175 1.46 10.87 28.91
N GLN A 176 0.17 10.51 28.78
CA GLN A 176 -0.34 9.37 29.54
C GLN A 176 0.47 8.12 29.24
N TRP A 177 0.76 7.89 27.95
CA TRP A 177 1.49 6.70 27.54
C TRP A 177 2.91 6.69 28.12
N LEU A 178 3.65 7.78 27.97
CA LEU A 178 5.02 7.78 28.45
C LEU A 178 5.08 7.74 29.96
N ASP A 179 4.13 8.40 30.63
CA ASP A 179 4.09 8.33 32.08
C ASP A 179 3.95 6.89 32.53
N SER A 180 3.15 6.11 31.81
CA SER A 180 2.89 4.72 32.17
C SER A 180 4.03 3.74 31.82
N LEU A 181 5.01 4.14 31.01
N LEU A 181 4.99 4.17 31.00
CA LEU A 181 5.99 3.18 30.51
CA LEU A 181 6.20 3.41 30.70
C LEU A 181 6.96 2.73 31.60
C LEU A 181 7.30 3.67 31.72
N GLN A 182 7.32 1.45 31.57
N GLN A 182 7.60 4.95 31.98
CA GLN A 182 8.40 0.91 32.41
CA GLN A 182 8.66 5.31 32.91
C GLN A 182 9.68 0.98 31.59
C GLN A 182 8.35 4.87 34.33
N ILE A 183 10.49 2.03 31.81
N ILE A 183 7.05 4.82 34.68
CA ILE A 183 11.68 2.23 30.99
CA ILE A 183 6.65 4.33 36.01
C ILE A 183 12.83 1.33 31.41
C ILE A 183 6.55 2.81 36.06
N ASP A 184 12.74 0.69 32.56
N ASP A 184 6.91 2.13 34.98
CA ASP A 184 13.56 -0.50 32.82
CA ASP A 184 6.93 0.67 34.88
C ASP A 184 12.87 -1.67 32.11
C ASP A 184 5.53 0.06 34.95
N ASN A 185 13.38 -2.88 32.30
N ASN A 185 4.53 0.75 34.39
CA ASN A 185 12.82 -4.05 31.62
CA ASN A 185 3.18 0.21 34.30
C ASN A 185 12.87 -3.85 30.11
C ASN A 185 2.85 -0.36 32.94
N LEU A 186 14.00 -4.22 29.49
N LEU A 186 3.70 -0.16 31.94
CA LEU A 186 14.17 -4.07 28.06
CA LEU A 186 3.53 -0.74 30.62
C LEU A 186 13.31 -5.03 27.25
C LEU A 186 4.64 -1.74 30.34
N THR A 187 12.59 -5.94 27.90
N THR A 187 4.26 -2.84 29.70
CA THR A 187 11.73 -6.90 27.22
CA THR A 187 5.09 -4.01 29.53
C THR A 187 10.27 -6.46 27.15
C THR A 187 6.33 -3.71 28.68
N SER A 188 9.94 -5.28 27.67
N SER A 188 7.25 -4.67 28.64
CA SER A 188 8.56 -4.78 27.65
CA SER A 188 8.40 -4.59 27.75
C SER A 188 8.10 -4.52 26.22
C SER A 188 7.99 -4.41 26.29
N PRO A 189 7.03 -5.17 25.74
CA PRO A 189 6.55 -4.87 24.38
C PRO A 189 6.15 -3.42 24.17
N ASP A 190 5.51 -2.78 25.16
CA ASP A 190 5.08 -1.40 24.97
C ASP A 190 6.30 -0.49 24.82
N LEU A 191 7.35 -0.76 25.59
CA LEU A 191 8.59 0.00 25.45
C LEU A 191 9.21 -0.23 24.07
N GLN A 192 9.20 -1.48 23.60
CA GLN A 192 9.74 -1.80 22.29
C GLN A 192 9.00 -1.03 21.21
N LEU A 193 7.67 -1.00 21.27
CA LEU A 193 6.89 -0.23 20.31
C LEU A 193 7.24 1.25 20.37
N THR A 194 7.46 1.77 21.58
CA THR A 194 7.76 3.19 21.73
C THR A 194 9.09 3.55 21.10
N VAL A 195 10.12 2.72 21.33
CA VAL A 195 11.40 2.93 20.66
C VAL A 195 11.25 2.78 19.15
N GLY A 196 10.42 1.82 18.73
CA GLY A 196 10.09 1.71 17.30
C GLY A 196 9.58 3.03 16.76
N ALA A 197 8.65 3.66 17.50
CA ALA A 197 8.07 4.91 17.03
C ALA A 197 9.12 6.02 16.96
N VAL A 198 10.06 6.03 17.91
CA VAL A 198 11.16 7.01 17.84
C VAL A 198 11.96 6.83 16.55
N ILE A 199 12.28 5.58 16.21
CA ILE A 199 13.01 5.30 14.98
C ILE A 199 12.19 5.73 13.76
N VAL A 200 10.89 5.44 13.78
CA VAL A 200 10.04 5.82 12.65
C VAL A 200 9.95 7.34 12.51
N GLU A 201 9.93 8.08 13.62
CA GLU A 201 10.02 9.54 13.51
C GLU A 201 11.27 9.93 12.75
N GLU A 202 12.39 9.28 13.06
CA GLU A 202 13.66 9.60 12.40
C GLU A 202 13.59 9.25 10.92
N MET A 203 12.99 8.09 10.60
CA MET A 203 12.86 7.65 9.23
C MET A 203 12.01 8.60 8.41
N ARG A 204 10.88 9.04 8.99
CA ARG A 204 9.98 9.96 8.29
C ARG A 204 10.63 11.32 8.10
N ALA A 205 11.38 11.77 9.11
CA ALA A 205 12.13 13.02 8.95
C ALA A 205 13.16 12.92 7.83
N ALA A 206 13.87 11.79 7.76
CA ALA A 206 14.82 11.59 6.66
C ALA A 206 14.13 11.59 5.30
N ILE A 207 13.00 10.89 5.18
CA ILE A 207 12.27 10.90 3.91
C ILE A 207 11.90 12.32 3.51
N GLU A 208 11.34 13.09 4.46
CA GLU A 208 10.89 14.43 4.10
C GLU A 208 12.07 15.34 3.76
N ARG A 209 13.14 15.29 4.56
N ARG A 209 13.17 15.22 4.52
CA ARG A 209 14.31 16.13 4.29
CA ARG A 209 14.28 16.15 4.31
C ARG A 209 14.87 15.83 2.92
C ARG A 209 15.07 15.82 3.04
N GLU A 210 15.06 14.55 2.60
CA GLU A 210 15.80 14.15 1.43
C GLU A 210 14.97 14.06 0.16
N THR A 211 13.64 14.11 0.26
CA THR A 211 12.82 14.05 -0.95
C THR A 211 11.81 15.16 -1.05
N GLY A 212 11.43 15.79 0.06
CA GLY A 212 10.35 16.75 0.07
C GLY A 212 9.00 16.12 0.32
N PHE A 213 8.91 14.79 0.36
CA PHE A 213 7.63 14.10 0.47
C PHE A 213 7.31 13.82 1.92
N GLN A 214 6.04 14.05 2.29
CA GLN A 214 5.54 13.68 3.60
C GLN A 214 4.86 12.32 3.54
N CYS A 215 4.81 11.67 4.70
CA CYS A 215 4.22 10.34 4.76
C CYS A 215 3.65 10.14 6.16
N SER A 216 2.82 9.10 6.28
CA SER A 216 2.29 8.66 7.56
C SER A 216 2.85 7.28 7.88
N ALA A 217 2.71 6.87 9.14
CA ALA A 217 3.17 5.54 9.48
C ALA A 217 2.38 4.95 10.63
N GLY A 218 2.33 3.61 10.65
CA GLY A 218 1.77 2.87 11.77
C GLY A 218 2.89 2.06 12.41
N ILE A 219 2.88 1.98 13.75
CA ILE A 219 3.83 1.13 14.45
C ILE A 219 3.04 0.19 15.34
N SER A 220 3.24 -1.11 15.18
CA SER A 220 2.57 -2.12 16.00
C SER A 220 3.43 -3.38 16.03
N HIS A 221 2.81 -4.50 16.35
CA HIS A 221 3.52 -5.77 16.46
C HIS A 221 3.41 -6.64 15.21
N ASN A 222 2.64 -6.22 14.22
CA ASN A 222 2.51 -7.02 13.00
C ASN A 222 2.05 -6.12 11.86
N LYS A 223 2.05 -6.69 10.64
CA LYS A 223 1.77 -5.90 9.44
C LYS A 223 0.33 -5.38 9.41
N VAL A 224 -0.65 -6.22 9.77
CA VAL A 224 -2.05 -5.80 9.66
C VAL A 224 -2.33 -4.64 10.60
N LEU A 225 -1.87 -4.73 11.87
CA LEU A 225 -2.09 -3.64 12.80
C LEU A 225 -1.27 -2.40 12.41
N ALA A 226 -0.07 -2.59 11.87
CA ALA A 226 0.71 -1.42 11.43
C ALA A 226 0.01 -0.69 10.30
N LYS A 227 -0.52 -1.43 9.33
CA LYS A 227 -1.23 -0.82 8.21
C LYS A 227 -2.47 -0.09 8.69
N LEU A 228 -3.24 -0.74 9.57
CA LEU A 228 -4.44 -0.12 10.10
C LEU A 228 -4.10 1.16 10.87
N ALA A 229 -3.06 1.08 11.72
CA ALA A 229 -2.60 2.23 12.50
C ALA A 229 -2.21 3.41 11.60
N CYS A 230 -1.52 3.12 10.48
CA CYS A 230 -1.06 4.20 9.60
C CYS A 230 -2.20 5.11 9.16
N GLY A 231 -3.35 4.53 8.82
CA GLY A 231 -4.48 5.30 8.32
C GLY A 231 -5.24 6.09 9.38
N LEU A 232 -4.96 5.85 10.66
CA LEU A 232 -5.77 6.44 11.71
C LEU A 232 -5.54 7.94 11.89
N ASN A 233 -4.37 8.45 11.51
CA ASN A 233 -4.10 9.88 11.67
C ASN A 233 -3.35 10.48 10.48
N LYS A 234 -3.61 9.97 9.29
CA LYS A 234 -3.16 10.63 8.07
C LYS A 234 -3.84 11.99 7.92
N PRO A 235 -3.13 13.00 7.36
CA PRO A 235 -1.76 12.86 6.85
C PRO A 235 -0.68 13.37 7.81
N ASN A 236 0.57 13.09 7.42
CA ASN A 236 1.77 13.64 8.07
C ASN A 236 1.85 13.32 9.55
N ARG A 237 1.38 12.15 9.98
CA ARG A 237 1.45 11.75 11.39
C ARG A 237 1.72 10.26 11.46
N GLN A 238 2.10 9.78 12.64
CA GLN A 238 2.26 8.35 12.80
C GLN A 238 1.52 7.93 14.06
N THR A 239 1.09 6.67 14.07
CA THR A 239 0.20 6.16 15.11
C THR A 239 0.76 4.86 15.65
N LEU A 240 0.82 4.75 16.99
CA LEU A 240 1.26 3.54 17.66
C LEU A 240 0.03 2.79 18.15
N VAL A 241 -0.13 1.54 17.70
CA VAL A 241 -1.22 0.67 18.14
C VAL A 241 -0.59 -0.42 18.99
N SER A 242 -0.81 -0.34 20.30
CA SER A 242 -0.27 -1.32 21.22
C SER A 242 -1.16 -2.56 21.27
N HIS A 243 -0.60 -3.66 21.79
CA HIS A 243 -1.40 -4.86 21.93
C HIS A 243 -2.62 -4.58 22.81
N GLY A 244 -2.41 -3.80 23.88
CA GLY A 244 -3.51 -3.53 24.79
C GLY A 244 -4.60 -2.66 24.22
N SER A 245 -4.29 -1.88 23.18
CA SER A 245 -5.31 -1.07 22.53
C SER A 245 -6.25 -1.89 21.66
N VAL A 246 -5.92 -3.15 21.36
CA VAL A 246 -6.66 -3.90 20.35
C VAL A 246 -8.13 -4.14 20.74
N PRO A 247 -8.44 -4.60 21.95
CA PRO A 247 -9.87 -4.87 22.25
C PRO A 247 -10.79 -3.69 22.02
N GLN A 248 -10.43 -2.49 22.47
CA GLN A 248 -11.34 -1.37 22.22
C GLN A 248 -11.32 -0.97 20.75
N LEU A 249 -10.13 -0.92 20.15
CA LEU A 249 -10.04 -0.55 18.73
C LEU A 249 -10.90 -1.47 17.87
N PHE A 250 -10.80 -2.77 18.11
CA PHE A 250 -11.54 -3.73 17.29
C PHE A 250 -13.01 -3.81 17.65
N SER A 251 -13.41 -3.29 18.81
CA SER A 251 -14.80 -3.46 19.23
C SER A 251 -15.78 -2.71 18.32
N GLN A 252 -15.33 -1.67 17.62
CA GLN A 252 -16.19 -0.96 16.68
C GLN A 252 -15.55 -0.86 15.30
N MET A 253 -14.62 -1.76 14.97
CA MET A 253 -13.89 -1.72 13.72
C MET A 253 -14.59 -2.58 12.69
N PRO A 254 -15.17 -2.00 11.64
CA PRO A 254 -15.77 -2.83 10.58
C PRO A 254 -14.76 -3.84 10.07
N ILE A 255 -15.22 -5.08 9.88
CA ILE A 255 -14.38 -6.16 9.37
C ILE A 255 -13.65 -5.74 8.09
N ARG A 256 -14.32 -4.99 7.20
CA ARG A 256 -13.74 -4.71 5.89
C ARG A 256 -12.52 -3.82 5.98
N LYS A 257 -12.25 -3.20 7.12
CA LYS A 257 -11.12 -2.29 7.24
C LYS A 257 -9.81 -3.01 7.42
N ILE A 258 -9.85 -4.30 7.74
CA ILE A 258 -8.63 -5.07 7.96
C ILE A 258 -8.14 -5.59 6.62
N ARG A 259 -6.83 -5.43 6.38
CA ARG A 259 -6.22 -5.79 5.11
C ARG A 259 -6.47 -7.27 4.79
N SER A 260 -7.03 -7.52 3.59
CA SER A 260 -7.38 -8.83 3.02
C SER A 260 -8.80 -9.24 3.40
N LEU A 261 -9.60 -8.32 3.95
CA LEU A 261 -10.98 -8.60 4.33
C LEU A 261 -11.85 -7.55 3.67
N GLY A 262 -11.29 -6.76 2.76
CA GLY A 262 -12.07 -5.74 2.08
C GLY A 262 -12.93 -6.26 0.95
N GLY A 263 -12.87 -7.56 0.63
CA GLY A 263 -13.59 -8.08 -0.51
C GLY A 263 -14.59 -9.15 -0.14
N LYS A 264 -14.71 -10.19 -0.97
CA LYS A 264 -15.72 -11.23 -0.78
C LYS A 264 -15.56 -11.97 0.54
N LEU A 265 -14.33 -12.31 0.94
CA LEU A 265 -14.16 -13.08 2.17
C LEU A 265 -14.69 -12.31 3.39
N GLY A 266 -14.33 -11.04 3.51
CA GLY A 266 -14.88 -10.22 4.58
C GLY A 266 -16.39 -10.17 4.56
N ALA A 267 -16.96 -10.01 3.37
CA ALA A 267 -18.41 -10.02 3.23
C ALA A 267 -19.00 -11.33 3.72
N SER A 268 -18.33 -12.45 3.43
CA SER A 268 -18.85 -13.73 3.88
C SER A 268 -18.70 -13.89 5.39
N VAL A 269 -17.65 -13.31 5.98
CA VAL A 269 -17.52 -13.37 7.44
C VAL A 269 -18.72 -12.67 8.08
N ILE A 270 -19.06 -11.49 7.56
CA ILE A 270 -20.21 -10.72 8.04
C ILE A 270 -21.50 -11.52 7.86
N GLU A 271 -21.69 -12.09 6.66
CA GLU A 271 -22.93 -12.80 6.32
C GLU A 271 -23.10 -14.10 7.10
N ILE A 272 -22.07 -14.94 7.11
CA ILE A 272 -22.20 -16.24 7.70
C ILE A 272 -22.31 -16.15 9.21
N LEU A 273 -21.53 -15.24 9.82
CA LEU A 273 -21.52 -15.18 11.28
C LEU A 273 -22.51 -14.18 11.84
N GLY A 274 -23.03 -13.27 11.01
CA GLY A 274 -23.99 -12.29 11.48
C GLY A 274 -23.36 -11.28 12.42
N ILE A 275 -22.15 -10.84 12.11
CA ILE A 275 -21.42 -9.86 12.92
C ILE A 275 -21.02 -8.68 12.03
N GLU A 276 -20.54 -7.61 12.67
CA GLU A 276 -20.09 -6.42 11.95
C GLU A 276 -18.67 -6.00 12.26
N TYR A 277 -18.17 -6.27 13.45
CA TYR A 277 -16.91 -5.71 13.90
C TYR A 277 -15.88 -6.80 14.16
N MET A 278 -14.61 -6.43 13.99
CA MET A 278 -13.53 -7.39 14.07
C MET A 278 -13.51 -8.07 15.44
N GLY A 279 -13.82 -7.31 16.49
CA GLY A 279 -13.76 -7.87 17.85
C GLY A 279 -14.77 -8.98 18.08
N GLU A 280 -15.90 -8.94 17.38
CA GLU A 280 -16.91 -9.98 17.56
C GLU A 280 -16.38 -11.36 17.17
N LEU A 281 -15.30 -11.40 16.37
CA LEU A 281 -14.76 -12.70 15.98
C LEU A 281 -14.25 -13.48 17.17
N THR A 282 -13.92 -12.78 18.28
CA THR A 282 -13.32 -13.52 19.38
C THR A 282 -14.28 -14.54 19.97
N GLN A 283 -15.58 -14.45 19.64
CA GLN A 283 -16.52 -15.34 20.30
C GLN A 283 -16.68 -16.70 19.61
N PHE A 284 -15.84 -16.99 18.62
CA PHE A 284 -15.89 -18.24 17.88
C PHE A 284 -14.65 -19.06 18.19
N THR A 285 -14.79 -20.38 18.23
CA THR A 285 -13.60 -21.21 18.38
C THR A 285 -12.82 -21.22 17.07
N GLU A 286 -11.55 -21.56 17.17
CA GLU A 286 -10.74 -21.70 15.96
C GLU A 286 -11.35 -22.71 15.00
N SER A 287 -11.88 -23.83 15.53
CA SER A 287 -12.49 -24.85 14.69
C SER A 287 -13.72 -24.30 13.96
N GLN A 288 -14.51 -23.47 14.64
CA GLN A 288 -15.70 -22.91 14.01
C GLN A 288 -15.31 -22.03 12.82
N LEU A 289 -14.30 -21.17 13.02
CA LEU A 289 -13.86 -20.30 11.94
C LEU A 289 -13.27 -21.12 10.80
N GLN A 290 -12.49 -22.15 11.12
CA GLN A 290 -11.94 -23.01 10.07
C GLN A 290 -13.04 -23.70 9.29
N SER A 291 -14.11 -24.14 9.99
CA SER A 291 -15.21 -24.79 9.29
C SER A 291 -15.91 -23.85 8.33
N HIS A 292 -15.98 -22.56 8.66
CA HIS A 292 -16.62 -21.69 7.67
C HIS A 292 -15.68 -21.19 6.57
N PHE A 293 -14.44 -20.87 6.91
CA PHE A 293 -13.56 -20.13 6.00
C PHE A 293 -12.31 -20.92 5.60
N GLY A 294 -12.19 -22.18 6.00
CA GLY A 294 -11.04 -22.99 5.65
C GLY A 294 -9.99 -22.97 6.76
N GLU A 295 -9.10 -23.97 6.74
CA GLU A 295 -8.07 -24.07 7.78
C GLU A 295 -7.24 -22.80 7.89
N LYS A 296 -6.69 -22.35 6.76
CA LYS A 296 -5.81 -21.18 6.77
C LYS A 296 -6.54 -19.91 7.17
N ASN A 297 -7.65 -19.61 6.49
CA ASN A 297 -8.37 -18.37 6.82
C ASN A 297 -8.88 -18.40 8.25
N GLY A 298 -9.36 -19.57 8.69
CA GLY A 298 -9.92 -19.67 10.03
C GLY A 298 -8.88 -19.42 11.11
N SER A 299 -7.71 -20.05 10.98
CA SER A 299 -6.66 -19.85 11.96
C SER A 299 -6.20 -18.39 11.93
N TRP A 300 -6.11 -17.83 10.73
CA TRP A 300 -5.67 -16.44 10.61
C TRP A 300 -6.65 -15.50 11.30
N LEU A 301 -7.97 -15.68 11.05
CA LEU A 301 -9.00 -14.86 11.67
C LEU A 301 -9.00 -15.02 13.20
N TYR A 302 -8.83 -16.26 13.67
CA TYR A 302 -8.85 -16.52 15.09
C TYR A 302 -7.74 -15.74 15.78
N ALA A 303 -6.54 -15.77 15.21
CA ALA A 303 -5.45 -14.98 15.79
C ALA A 303 -5.62 -13.48 15.53
N MET A 304 -6.05 -13.08 14.33
CA MET A 304 -6.07 -11.66 13.98
C MET A 304 -7.05 -10.88 14.84
N CYS A 305 -8.21 -11.47 15.15
CA CYS A 305 -9.18 -10.70 15.95
C CYS A 305 -8.67 -10.44 17.37
N ARG A 306 -7.61 -11.14 17.78
CA ARG A 306 -6.96 -10.93 19.07
C ARG A 306 -5.70 -10.07 18.92
N GLY A 307 -5.46 -9.55 17.72
CA GLY A 307 -4.34 -8.68 17.47
C GLY A 307 -3.07 -9.42 17.14
N ILE A 308 -3.17 -10.70 16.76
CA ILE A 308 -2.02 -11.57 16.54
C ILE A 308 -1.94 -11.97 15.08
N GLU A 309 -0.77 -11.75 14.48
CA GLU A 309 -0.58 -12.10 13.07
C GLU A 309 0.90 -12.41 12.92
N HIS A 310 1.23 -13.40 12.09
CA HIS A 310 2.62 -13.81 12.00
C HIS A 310 3.25 -13.60 10.64
N ASP A 311 2.52 -13.05 9.69
CA ASP A 311 3.05 -12.85 8.35
C ASP A 311 4.36 -12.06 8.44
N PRO A 312 5.47 -12.59 7.94
CA PRO A 312 6.74 -11.88 8.09
C PRO A 312 6.88 -10.70 7.16
N VAL A 313 7.68 -9.73 7.60
CA VAL A 313 8.15 -8.69 6.71
C VAL A 313 9.15 -9.35 5.78
N LYS A 314 8.77 -9.50 4.50
CA LYS A 314 9.60 -10.20 3.55
C LYS A 314 10.76 -9.31 3.11
N PRO A 315 11.97 -9.82 3.06
CA PRO A 315 13.09 -9.03 2.55
C PRO A 315 13.02 -8.88 1.05
N ARG A 316 12.25 -7.90 0.56
CA ARG A 316 11.99 -7.76 -0.88
C ARG A 316 11.75 -6.29 -1.17
N GLN A 317 12.73 -5.63 -1.76
CA GLN A 317 12.61 -4.21 -2.04
C GLN A 317 12.13 -3.93 -3.45
N LEU A 318 12.28 -4.89 -4.34
CA LEU A 318 11.96 -4.78 -5.76
C LEU A 318 10.72 -5.58 -6.15
N PRO A 319 9.92 -5.09 -7.09
CA PRO A 319 8.79 -5.87 -7.60
C PRO A 319 9.26 -7.18 -8.23
N LYS A 320 8.43 -8.22 -8.12
CA LYS A 320 8.69 -9.57 -8.62
C LYS A 320 8.24 -9.77 -10.07
N THR A 321 7.48 -8.82 -10.61
CA THR A 321 6.97 -8.87 -11.97
C THR A 321 7.01 -7.45 -12.49
N ILE A 322 7.05 -7.31 -13.82
CA ILE A 322 6.99 -6.01 -14.46
C ILE A 322 5.91 -6.14 -15.50
N GLY A 323 4.80 -5.42 -15.31
CA GLY A 323 3.66 -5.58 -16.17
C GLY A 323 3.15 -4.26 -16.72
N CYS A 324 2.40 -4.37 -17.82
CA CYS A 324 1.65 -3.21 -18.28
C CYS A 324 0.45 -3.66 -19.09
N SER A 325 -0.65 -2.96 -18.90
CA SER A 325 -1.93 -3.32 -19.49
C SER A 325 -2.60 -2.07 -20.02
N LYS A 326 -3.47 -2.26 -21.01
CA LYS A 326 -4.32 -1.19 -21.50
C LYS A 326 -5.73 -1.73 -21.69
N ASN A 327 -6.71 -0.98 -21.20
CA ASN A 327 -8.12 -1.24 -21.49
C ASN A 327 -8.58 -0.53 -22.76
N PHE A 328 -9.58 -1.13 -23.41
CA PHE A 328 -10.18 -0.59 -24.63
C PHE A 328 -11.69 -0.68 -24.48
N PRO A 329 -12.29 0.27 -23.76
CA PRO A 329 -13.71 0.13 -23.36
C PRO A 329 -14.69 0.51 -24.47
N GLY A 330 -15.92 0.00 -24.28
CA GLY A 330 -17.04 0.28 -25.17
C GLY A 330 -16.73 0.14 -26.64
N LYS A 331 -16.90 1.25 -27.38
CA LYS A 331 -16.76 1.20 -28.83
C LYS A 331 -15.31 1.14 -29.26
N THR A 332 -14.37 1.36 -28.35
CA THR A 332 -12.95 1.37 -28.72
C THR A 332 -12.31 -0.01 -28.69
N ALA A 333 -13.07 -1.05 -28.37
CA ALA A 333 -12.54 -2.41 -28.33
C ALA A 333 -11.88 -2.76 -29.66
N LEU A 334 -10.78 -3.49 -29.59
CA LEU A 334 -9.97 -3.80 -30.77
C LEU A 334 -10.64 -4.92 -31.56
N ALA A 335 -10.97 -4.64 -32.82
CA ALA A 335 -11.81 -5.52 -33.64
C ALA A 335 -11.14 -6.01 -34.92
N THR A 336 -9.87 -5.64 -35.18
CA THR A 336 -9.07 -6.04 -36.33
C THR A 336 -7.72 -6.61 -35.88
N ARG A 337 -7.17 -7.55 -36.67
CA ARG A 337 -5.89 -8.17 -36.34
C ARG A 337 -4.77 -7.15 -36.23
N GLU A 338 -4.72 -6.21 -37.19
CA GLU A 338 -3.71 -5.14 -37.20
C GLU A 338 -3.76 -4.28 -35.94
N GLN A 339 -4.96 -3.91 -35.49
CA GLN A 339 -5.09 -3.12 -34.27
C GLN A 339 -4.45 -3.85 -33.11
N VAL A 340 -4.81 -5.12 -32.97
CA VAL A 340 -4.31 -5.95 -31.88
C VAL A 340 -2.78 -5.99 -31.92
N GLN A 341 -2.20 -6.14 -33.12
CA GLN A 341 -0.74 -6.21 -33.21
C GLN A 341 -0.09 -4.88 -32.89
N TRP A 342 -0.69 -3.76 -33.33
CA TRP A 342 -0.10 -2.45 -33.04
C TRP A 342 -0.08 -2.17 -31.54
N TRP A 343 -1.18 -2.49 -30.85
CA TRP A 343 -1.21 -2.22 -29.41
C TRP A 343 -0.33 -3.21 -28.65
N LEU A 344 -0.21 -4.45 -29.14
CA LEU A 344 0.71 -5.37 -28.51
C LEU A 344 2.12 -4.83 -28.61
N LEU A 345 2.46 -4.25 -29.77
CA LEU A 345 3.76 -3.62 -29.94
C LEU A 345 3.97 -2.45 -28.97
N GLN A 346 2.97 -1.57 -28.84
CA GLN A 346 3.13 -0.44 -27.92
C GLN A 346 3.43 -0.92 -26.50
N LEU A 347 2.63 -1.90 -26.04
CA LEU A 347 2.84 -2.47 -24.71
C LEU A 347 4.23 -3.11 -24.62
N ALA A 348 4.63 -3.86 -25.65
CA ALA A 348 5.93 -4.54 -25.63
C ALA A 348 7.07 -3.54 -25.61
N GLN A 349 6.91 -2.40 -26.26
CA GLN A 349 7.94 -1.36 -26.22
C GLN A 349 8.08 -0.75 -24.83
N GLU A 350 6.95 -0.51 -24.14
CA GLU A 350 7.08 -0.02 -22.76
C GLU A 350 7.74 -1.08 -21.90
N LEU A 351 7.35 -2.33 -22.09
CA LEU A 351 7.91 -3.42 -21.31
C LEU A 351 9.40 -3.56 -21.57
N GLU A 352 9.85 -3.48 -22.83
CA GLU A 352 11.28 -3.56 -23.12
C GLU A 352 12.04 -2.45 -22.43
N GLU A 353 11.51 -1.22 -22.47
CA GLU A 353 12.20 -0.09 -21.85
C GLU A 353 12.37 -0.32 -20.35
N ARG A 354 11.29 -0.79 -19.71
CA ARG A 354 11.34 -1.03 -18.27
C ARG A 354 12.23 -2.21 -17.92
N LEU A 355 12.19 -3.28 -18.73
CA LEU A 355 13.03 -4.47 -18.48
C LEU A 355 14.50 -4.16 -18.66
N THR A 356 14.87 -3.40 -19.69
CA THR A 356 16.28 -3.09 -19.91
C THR A 356 16.82 -2.27 -18.75
N LYS A 357 16.03 -1.26 -18.33
CA LYS A 357 16.44 -0.50 -17.16
C LYS A 357 16.55 -1.40 -15.94
N ASP A 358 15.59 -2.32 -15.76
CA ASP A 358 15.62 -3.21 -14.60
C ASP A 358 16.86 -4.10 -14.61
N ARG A 359 17.24 -4.62 -15.78
CA ARG A 359 18.43 -5.48 -15.87
C ARG A 359 19.68 -4.72 -15.49
N ASN A 360 19.80 -3.47 -15.94
CA ASN A 360 20.98 -2.68 -15.58
C ASN A 360 20.99 -2.29 -14.10
N ASP A 361 19.83 -1.93 -13.54
CA ASP A 361 19.79 -1.49 -12.14
C ASP A 361 19.92 -2.64 -11.17
N ASN A 362 19.29 -3.78 -11.47
CA ASN A 362 19.06 -4.80 -10.46
C ASN A 362 19.70 -6.15 -10.73
N ASP A 363 20.50 -6.28 -11.79
CA ASP A 363 21.29 -7.50 -12.03
C ASP A 363 20.39 -8.73 -12.08
N ARG A 364 19.33 -8.67 -12.89
CA ARG A 364 18.43 -9.80 -13.06
C ARG A 364 17.81 -9.74 -14.44
N VAL A 365 17.26 -10.88 -14.89
CA VAL A 365 16.60 -10.99 -16.18
C VAL A 365 15.30 -11.77 -16.04
N ALA A 366 14.24 -11.28 -16.67
CA ALA A 366 12.98 -12.00 -16.68
C ALA A 366 13.08 -13.15 -17.68
N THR A 367 12.42 -14.26 -17.37
CA THR A 367 12.50 -15.43 -18.24
C THR A 367 11.18 -15.93 -18.80
N GLN A 368 10.05 -15.38 -18.37
CA GLN A 368 8.74 -15.79 -18.83
C GLN A 368 7.91 -14.56 -19.19
N LEU A 369 7.19 -14.62 -20.31
CA LEU A 369 6.28 -13.56 -20.72
C LEU A 369 4.86 -14.05 -20.58
N VAL A 370 4.05 -13.31 -19.82
CA VAL A 370 2.65 -13.63 -19.63
C VAL A 370 1.77 -12.65 -20.39
N VAL A 371 0.85 -13.16 -21.21
CA VAL A 371 -0.08 -12.34 -21.98
C VAL A 371 -1.51 -12.63 -21.50
N SER A 372 -2.27 -11.59 -21.19
CA SER A 372 -3.64 -11.77 -20.74
C SER A 372 -4.56 -10.83 -21.51
N ILE A 373 -5.77 -11.31 -21.83
CA ILE A 373 -6.73 -10.50 -22.56
C ILE A 373 -8.11 -10.61 -21.90
N ARG A 374 -8.95 -9.63 -22.23
CA ARG A 374 -10.36 -9.61 -21.89
C ARG A 374 -11.14 -9.43 -23.18
N VAL A 375 -12.24 -10.14 -23.29
CA VAL A 375 -13.10 -10.13 -24.47
C VAL A 375 -14.38 -9.35 -24.17
N GLN A 376 -14.93 -8.66 -25.20
CA GLN A 376 -16.12 -7.84 -24.99
C GLN A 376 -17.27 -8.67 -24.44
N GLY A 377 -17.83 -8.27 -23.31
CA GLY A 377 -18.95 -8.98 -22.76
C GLY A 377 -18.66 -9.72 -21.48
N ASP A 378 -17.44 -10.22 -21.34
CA ASP A 378 -17.05 -10.97 -20.16
C ASP A 378 -17.05 -10.08 -18.93
N LYS A 379 -17.77 -10.50 -17.90
CA LYS A 379 -17.91 -9.77 -16.64
C LYS A 379 -16.61 -9.80 -15.85
N ARG A 380 -15.82 -10.86 -16.04
CA ARG A 380 -14.54 -11.02 -15.36
C ARG A 380 -13.55 -9.99 -15.88
N LEU A 381 -12.67 -9.54 -14.99
CA LEU A 381 -11.64 -8.57 -15.36
C LEU A 381 -10.71 -9.11 -16.44
N SER A 382 -10.17 -10.31 -16.26
CA SER A 382 -9.36 -11.00 -17.27
C SER A 382 -10.13 -12.20 -17.82
N SER A 383 -10.10 -12.37 -19.14
CA SER A 383 -10.77 -13.51 -19.76
C SER A 383 -9.83 -14.68 -20.02
N LEU A 384 -8.55 -14.41 -20.30
CA LEU A 384 -7.65 -15.48 -20.67
C LEU A 384 -6.19 -15.13 -20.37
N ARG A 385 -5.44 -16.13 -19.92
N ARG A 385 -5.42 -16.16 -20.01
CA ARG A 385 -4.01 -15.98 -19.69
CA ARG A 385 -4.02 -16.04 -19.61
C ARG A 385 -3.25 -17.08 -20.40
C ARG A 385 -3.21 -17.10 -20.35
N ARG A 386 -2.17 -16.70 -21.09
CA ARG A 386 -1.27 -17.63 -21.75
C ARG A 386 0.16 -17.15 -21.50
N CYS A 387 1.12 -18.07 -21.60
CA CYS A 387 2.51 -17.71 -21.33
C CYS A 387 3.44 -18.28 -22.39
N CYS A 388 4.61 -17.68 -22.51
CA CYS A 388 5.63 -18.18 -23.40
C CYS A 388 7.00 -17.77 -22.88
N ALA A 389 8.05 -18.28 -23.51
CA ALA A 389 9.42 -17.97 -23.11
C ALA A 389 9.74 -16.50 -23.39
N LEU A 390 10.47 -15.88 -22.48
CA LEU A 390 11.01 -14.53 -22.71
C LEU A 390 12.53 -14.67 -22.80
N THR A 391 13.04 -14.71 -24.03
CA THR A 391 14.45 -15.03 -24.23
C THR A 391 15.27 -13.82 -24.67
N ARG A 392 14.64 -12.77 -25.17
CA ARG A 392 15.32 -11.56 -25.57
C ARG A 392 14.45 -10.35 -25.27
N TYR A 393 15.09 -9.32 -24.70
CA TYR A 393 14.47 -8.03 -24.45
C TYR A 393 14.36 -7.31 -25.80
N ASP A 394 13.37 -7.75 -26.59
CA ASP A 394 13.12 -7.22 -27.93
C ASP A 394 11.62 -7.06 -28.07
N ALA A 395 11.19 -5.80 -28.26
CA ALA A 395 9.77 -5.49 -28.27
C ALA A 395 9.05 -6.15 -29.44
N HIS A 396 9.68 -6.19 -30.62
CA HIS A 396 9.03 -6.79 -31.77
C HIS A 396 8.85 -8.27 -31.56
N LYS A 397 9.88 -8.92 -31.01
CA LYS A 397 9.78 -10.35 -30.70
C LYS A 397 8.73 -10.64 -29.63
N MET A 398 8.74 -9.86 -28.53
CA MET A 398 7.76 -10.09 -27.47
C MET A 398 6.34 -9.91 -27.97
N SER A 399 6.09 -8.87 -28.77
CA SER A 399 4.74 -8.63 -29.29
C SER A 399 4.33 -9.72 -30.28
N HIS A 400 5.27 -10.19 -31.11
CA HIS A 400 4.97 -11.28 -32.03
C HIS A 400 4.62 -12.56 -31.26
N ASP A 401 5.41 -12.87 -30.22
CA ASP A 401 5.17 -14.05 -29.41
C ASP A 401 3.84 -13.98 -28.66
N ALA A 402 3.47 -12.79 -28.16
CA ALA A 402 2.20 -12.67 -27.46
C ALA A 402 1.06 -12.90 -28.44
N PHE A 403 1.19 -12.34 -29.65
CA PHE A 403 0.17 -12.56 -30.66
C PHE A 403 0.06 -14.04 -30.99
N THR A 404 1.20 -14.71 -31.11
CA THR A 404 1.17 -16.13 -31.46
C THR A 404 0.39 -16.92 -30.43
N VAL A 405 0.58 -16.59 -29.14
CA VAL A 405 -0.06 -17.38 -28.10
C VAL A 405 -1.51 -17.02 -27.87
N ILE A 406 -1.99 -15.85 -28.35
CA ILE A 406 -3.40 -15.51 -28.16
C ILE A 406 -4.26 -15.54 -29.43
N LYS A 407 -3.67 -15.60 -30.62
CA LYS A 407 -4.42 -15.48 -31.87
C LYS A 407 -5.55 -16.49 -32.05
N ASN A 408 -5.40 -17.70 -31.54
CA ASN A 408 -6.44 -18.71 -31.68
C ASN A 408 -7.69 -18.42 -30.86
N CYS A 409 -7.69 -17.33 -30.08
CA CYS A 409 -8.86 -16.95 -29.31
C CYS A 409 -9.84 -16.22 -30.22
N ASN A 410 -9.42 -15.88 -31.42
CA ASN A 410 -10.19 -15.13 -32.40
C ASN A 410 -11.21 -16.04 -33.06
N THR A 411 -12.49 -15.82 -32.70
CA THR A 411 -13.61 -16.58 -33.23
C THR A 411 -13.80 -16.34 -34.72
N SER A 412 -13.65 -15.09 -35.17
CA SER A 412 -13.89 -14.68 -36.56
C SER A 412 -13.39 -15.70 -37.59
N THR A 416 -8.55 -10.97 -40.74
CA THR A 416 -8.27 -9.55 -40.80
C THR A 416 -9.12 -8.88 -39.71
N GLU A 417 -10.23 -9.54 -39.36
CA GLU A 417 -11.18 -9.10 -38.33
C GLU A 417 -10.93 -9.88 -37.05
N TRP A 418 -11.14 -9.23 -35.90
CA TRP A 418 -10.99 -9.89 -34.61
C TRP A 418 -12.34 -9.98 -33.89
N SER A 419 -12.77 -11.19 -33.52
CA SER A 419 -14.00 -11.27 -32.76
C SER A 419 -13.93 -12.36 -31.71
N PRO A 420 -14.54 -12.15 -30.54
CA PRO A 420 -15.20 -10.89 -30.17
C PRO A 420 -14.15 -9.82 -29.86
N PRO A 421 -14.46 -8.54 -30.05
CA PRO A 421 -13.46 -7.48 -29.85
C PRO A 421 -12.79 -7.56 -28.47
N LEU A 422 -11.55 -7.09 -28.41
CA LEU A 422 -10.74 -7.13 -27.20
C LEU A 422 -10.89 -5.85 -26.39
N THR A 423 -11.19 -5.99 -25.10
CA THR A 423 -11.36 -4.84 -24.22
C THR A 423 -10.17 -4.63 -23.28
N MET A 424 -9.16 -5.49 -23.35
CA MET A 424 -7.97 -5.34 -22.53
C MET A 424 -6.82 -6.17 -23.10
N LEU A 425 -5.61 -5.61 -23.05
CA LEU A 425 -4.36 -6.31 -23.32
C LEU A 425 -3.43 -6.16 -22.12
N PHE A 426 -2.64 -7.20 -21.85
CA PHE A 426 -1.77 -7.27 -20.68
C PHE A 426 -0.53 -8.06 -21.04
N LEU A 427 0.63 -7.45 -20.86
CA LEU A 427 1.92 -8.13 -21.01
C LEU A 427 2.64 -8.04 -19.68
N CYS A 428 3.14 -9.17 -19.19
CA CYS A 428 3.84 -9.14 -17.91
C CYS A 428 5.07 -10.03 -17.96
N ALA A 429 6.22 -9.47 -17.59
CA ALA A 429 7.48 -10.21 -17.51
C ALA A 429 7.59 -10.78 -16.11
N THR A 430 7.89 -12.09 -16.02
CA THR A 430 7.94 -12.82 -14.75
C THR A 430 9.12 -13.79 -14.73
N LYS A 431 9.28 -14.47 -13.59
CA LYS A 431 10.29 -15.52 -13.37
C LYS A 431 11.71 -14.96 -13.58
N PHE A 432 12.08 -14.03 -12.71
CA PHE A 432 13.41 -13.43 -12.80
C PHE A 432 14.49 -14.37 -12.29
N SER A 433 15.65 -14.35 -12.96
CA SER A 433 16.85 -15.05 -12.49
C SER A 433 17.99 -14.03 -12.43
N ALA A 434 18.94 -14.26 -11.55
CA ALA A 434 20.07 -13.33 -11.42
C ALA A 434 20.90 -13.27 -12.71
N SER A 435 21.39 -12.08 -13.02
CA SER A 435 22.26 -11.88 -14.17
C SER A 435 23.42 -10.93 -13.83
P 02I B 6 0.55 0.06 -15.64
N1 02I B 6 -4.07 -3.72 -10.17
C2 02I B 6 -3.23 -3.36 -9.19
N3 02I B 6 -2.13 -2.63 -9.27
C4 02I B 6 -1.90 -2.25 -10.55
C5 02I B 6 -2.66 -2.55 -11.65
C6 02I B 6 -3.82 -3.34 -11.46
N6 02I B 6 -4.68 -3.72 -12.42
N7 02I B 6 -2.11 -2.00 -12.81
C8 02I B 6 -1.05 -1.40 -12.38
N9 02I B 6 -0.86 -1.49 -11.02
C1' 02I B 6 0.28 -0.92 -10.32
C2' 02I B 6 1.42 -1.91 -10.46
OP2 02I B 6 0.60 -0.60 -16.99
C3' 02I B 6 1.93 -1.65 -11.91
O3' 02I B 6 3.32 -1.39 -11.93
C4' 02I B 6 1.19 -0.38 -12.32
O4' 02I B 6 0.72 0.19 -11.07
C5' 02I B 6 -0.06 -0.56 -13.18
O5' 02I B 6 0.21 -1.07 -14.48
OP1 02I B 6 1.83 0.79 -15.29
N1 DZ4 D . -5.77 3.08 -9.44
C2 DZ4 D . -4.68 3.74 -9.90
N3 DZ4 D . -3.71 4.28 -9.20
C4 DZ4 D . -3.82 4.15 -7.88
C5 DZ4 D . -4.88 3.48 -7.29
C6 DZ4 D . -5.87 2.95 -8.10
N6 DZ4 D . -6.93 2.29 -7.61
N7 DZ4 D . -4.71 3.50 -5.94
C8 DZ4 D . -3.55 4.18 -5.70
N9 DZ4 D . -3.00 4.56 -6.88
PA DZ4 D . -2.46 5.23 -1.84
PB DZ4 D . -2.37 8.17 -1.72
PG DZ4 D . -3.04 8.56 1.03
C1' DZ4 D . -1.78 5.27 -6.89
O1A DZ4 D . -1.48 5.09 -0.77
O1B DZ4 D . -0.95 7.94 -1.40
O1G DZ4 D . -2.14 7.43 1.21
C2' DZ4 D . -1.90 6.78 -6.79
O2A DZ4 D . -3.65 4.24 -1.68
O2B DZ4 D . -2.55 8.99 -2.99
O2G DZ4 D . -2.55 9.76 1.77
C3' DZ4 D . -1.58 7.03 -5.31
O3' DZ4 D . -1.06 8.35 -5.09
N3A DZ4 D . -3.18 6.70 -1.87
O3B DZ4 D . -3.07 8.92 -0.52
O3G DZ4 D . -4.48 8.20 1.40
C4' DZ4 D . -0.53 5.95 -5.04
O4' DZ4 D . -0.94 4.79 -5.85
C5' DZ4 D . -0.57 5.51 -3.55
O5' DZ4 D . -1.80 4.95 -3.23
MG MG E . -0.34 6.74 0.22
MG MG F . -0.45 3.24 -0.20
C1 GOL G . -15.29 -6.57 21.52
O1 GOL G . -15.76 -7.32 20.43
C2 GOL G . -13.75 -6.53 21.59
O2 GOL G . -13.17 -5.94 20.42
C3 GOL G . -13.23 -8.00 21.83
O3 GOL G . -11.83 -7.91 22.14
#